data_7QI8
#
_entry.id   7QI8
#
_cell.length_a   84.196
_cell.length_b   84.196
_cell.length_c   147.984
_cell.angle_alpha   90.000
_cell.angle_beta   90.000
_cell.angle_gamma   90.000
#
_symmetry.space_group_name_H-M   'P 41 21 2'
#
loop_
_entity.id
_entity.type
_entity.pdbx_description
1 polymer 'Lysine--tRNA ligase 1'
2 non-polymer LYSINE
3 non-polymer 2-azanyl-6-[(1~{S},7~{S})-2,2-bis(fluoranyl)-7-oxidanyl-cycloheptyl]-4-methoxy-7~{H}-pyrrolo[3,4-d]pyrimidin-5-one
4 water water
#
_entity_poly.entity_id   1
_entity_poly.type   'polypeptide(L)'
_entity_poly.pdbx_seq_one_letter_code
;MGSSHHHHHHSSGENLYFQGHMSAADTAEDLPEQFRIRRDKRARLLAQGRDPYPVAVPRTHTLAEVRAAHPDLPIDTATE
DIVGVAGRVIFARNSGKLCFATLQDGDGTQLQVMISLDKVGQAALDAWKADVDLGDIVYVHGAVISSRRGELSVLADCWR
IAAKSLRPLPVAHKEMSEESRVRQRYVDLIVRPEARAVARLRIAVVRAIRTALQRRGFLEVETPVLQTLAGGAAARPFAT
HSNALDIDLYLRIAPELFLKRCIVGGFDKVFELNRVFRNEGADSTHSPEFSMLETYQTYGTYDDSAVVTRELIQEVADEA
IGTRQLPLPDGSVYDIDGEWATIQMYPSLSVALGEEITPQTTVDRLRGIADSLGLEKDPAIHDNRGFGHGKLIEELWERT
VGKSLSAPTFVKDFPVQTTPLTRQHRSIPGVTEKWDLYLRGIELATGYSELSDPVVQRERFADQARAAAAGDDEAAVLDE
DFLAALEYGMPPCTGTGMGIDRLLMSLTGLSIRETVLFPIVRPHSN
;
_entity_poly.pdbx_strand_id   A
#
loop_
_chem_comp.id
_chem_comp.type
_chem_comp.name
_chem_comp.formula
DD0 non-polymer 2-azanyl-6-[(1~{S},7~{S})-2,2-bis(fluoranyl)-7-oxidanyl-cycloheptyl]-4-methoxy-7~{H}-pyrrolo[3,4-d]pyrimidin-5-one 'C14 H18 F2 N4 O3'
#
# COMPACT_ATOMS: atom_id res chain seq x y z
N GLU A 33 -26.09 -15.34 20.86
CA GLU A 33 -27.37 -16.12 20.75
C GLU A 33 -28.05 -15.89 19.39
N GLN A 34 -27.99 -14.66 18.86
CA GLN A 34 -28.57 -14.32 17.53
C GLN A 34 -27.86 -15.15 16.44
N PHE A 35 -26.70 -15.73 16.79
CA PHE A 35 -25.93 -16.71 15.99
C PHE A 35 -26.78 -17.96 15.71
N ARG A 36 -27.72 -18.28 16.60
CA ARG A 36 -28.50 -19.55 16.55
C ARG A 36 -29.79 -19.30 15.76
N ILE A 37 -30.53 -18.23 16.08
CA ILE A 37 -31.77 -17.81 15.36
C ILE A 37 -31.48 -17.76 13.85
N ARG A 38 -30.31 -17.22 13.50
CA ARG A 38 -29.91 -17.00 12.07
C ARG A 38 -29.69 -18.34 11.37
N ARG A 39 -28.96 -19.28 12.00
CA ARG A 39 -28.65 -20.66 11.50
C ARG A 39 -29.94 -21.46 11.28
N ASP A 40 -31.01 -21.11 12.01
CA ASP A 40 -32.32 -21.80 12.01
C ASP A 40 -33.27 -21.15 10.99
N LYS A 41 -32.96 -19.94 10.49
CA LYS A 41 -33.68 -19.35 9.34
C LYS A 41 -33.10 -19.95 8.06
N ARG A 42 -31.79 -20.20 8.02
CA ARG A 42 -31.12 -20.88 6.88
C ARG A 42 -31.74 -22.27 6.72
N ALA A 43 -31.72 -23.07 7.80
CA ALA A 43 -32.26 -24.45 7.85
C ALA A 43 -33.73 -24.48 7.37
N ARG A 44 -34.61 -23.66 7.97
CA ARG A 44 -36.06 -23.65 7.66
C ARG A 44 -36.31 -22.98 6.30
N LEU A 45 -35.28 -22.42 5.67
CA LEU A 45 -35.33 -21.90 4.27
C LEU A 45 -34.96 -23.04 3.30
N LEU A 46 -33.92 -23.82 3.62
CA LEU A 46 -33.46 -25.00 2.83
C LEU A 46 -34.60 -26.04 2.75
N ALA A 47 -35.19 -26.38 3.90
CA ALA A 47 -36.32 -27.34 4.01
C ALA A 47 -37.48 -26.90 3.11
N GLN A 48 -37.73 -25.59 2.99
CA GLN A 48 -38.92 -24.98 2.32
C GLN A 48 -38.71 -24.85 0.80
N GLY A 49 -37.57 -25.33 0.27
CA GLY A 49 -37.19 -25.16 -1.15
C GLY A 49 -37.01 -23.69 -1.50
N ARG A 50 -36.63 -22.84 -0.53
CA ARG A 50 -36.11 -21.46 -0.76
C ARG A 50 -34.58 -21.58 -0.89
N ASP A 51 -33.95 -20.79 -1.77
CA ASP A 51 -32.46 -20.79 -1.90
C ASP A 51 -31.95 -19.55 -1.17
N PRO A 52 -31.28 -19.75 -0.01
CA PRO A 52 -30.68 -18.65 0.74
C PRO A 52 -29.38 -18.14 0.09
N TYR A 53 -28.60 -19.06 -0.52
CA TYR A 53 -27.38 -18.80 -1.33
C TYR A 53 -27.59 -19.27 -2.78
N PRO A 54 -28.35 -18.54 -3.63
CA PRO A 54 -28.53 -18.93 -5.03
C PRO A 54 -27.37 -18.65 -5.99
N VAL A 55 -27.00 -19.66 -6.81
CA VAL A 55 -25.92 -19.60 -7.84
C VAL A 55 -25.86 -18.18 -8.45
N ALA A 56 -27.00 -17.68 -8.93
CA ALA A 56 -27.12 -16.44 -9.75
C ALA A 56 -28.26 -15.59 -9.21
N VAL A 57 -28.22 -14.28 -9.49
CA VAL A 57 -29.40 -13.38 -9.46
C VAL A 57 -29.17 -12.33 -10.56
N PRO A 58 -30.22 -11.89 -11.29
CA PRO A 58 -30.02 -11.09 -12.50
C PRO A 58 -29.82 -9.62 -12.19
N ARG A 59 -28.72 -9.28 -11.52
CA ARG A 59 -28.47 -7.87 -11.12
C ARG A 59 -28.19 -7.08 -12.39
N THR A 60 -29.07 -6.13 -12.72
CA THR A 60 -29.04 -5.37 -13.99
C THR A 60 -28.09 -4.18 -13.85
N HIS A 61 -28.13 -3.46 -12.72
CA HIS A 61 -27.23 -2.29 -12.46
C HIS A 61 -26.70 -2.33 -11.03
N THR A 62 -25.55 -1.67 -10.80
CA THR A 62 -25.07 -1.29 -9.44
C THR A 62 -25.92 -0.11 -8.96
N LEU A 63 -25.97 0.10 -7.65
CA LEU A 63 -26.75 1.21 -7.05
C LEU A 63 -26.11 2.54 -7.48
N ALA A 64 -24.80 2.55 -7.73
CA ALA A 64 -24.08 3.73 -8.24
C ALA A 64 -24.60 4.07 -9.64
N GLU A 65 -24.86 3.03 -10.43
CA GLU A 65 -25.39 3.15 -11.82
C GLU A 65 -26.81 3.72 -11.74
N VAL A 66 -27.61 3.24 -10.76
CA VAL A 66 -29.02 3.72 -10.56
C VAL A 66 -28.99 5.17 -10.03
N ARG A 67 -27.93 5.59 -9.33
CA ARG A 67 -27.81 6.98 -8.82
C ARG A 67 -27.47 7.93 -9.96
N ALA A 68 -26.37 7.68 -10.65
CA ALA A 68 -25.88 8.50 -11.78
C ALA A 68 -27.00 8.65 -12.84
N ALA A 69 -27.97 7.72 -12.85
CA ALA A 69 -29.08 7.64 -13.82
C ALA A 69 -30.18 8.66 -13.48
N HIS A 70 -30.52 8.79 -12.20
CA HIS A 70 -31.66 9.59 -11.71
C HIS A 70 -31.16 10.67 -10.76
N PRO A 71 -30.26 11.56 -11.23
CA PRO A 71 -29.55 12.49 -10.34
C PRO A 71 -30.52 13.53 -9.73
N ASP A 72 -31.45 14.06 -10.52
CA ASP A 72 -32.49 15.03 -10.07
C ASP A 72 -33.88 14.51 -10.46
N LEU A 73 -34.50 13.72 -9.58
CA LEU A 73 -35.89 13.19 -9.73
C LEU A 73 -36.83 13.99 -8.84
N PRO A 74 -37.78 14.76 -9.41
CA PRO A 74 -38.78 15.48 -8.62
C PRO A 74 -39.39 14.59 -7.52
N ILE A 75 -39.05 14.87 -6.26
CA ILE A 75 -39.23 13.92 -5.13
C ILE A 75 -40.72 13.54 -5.00
N ASP A 76 -40.98 12.29 -4.63
CA ASP A 76 -42.32 11.68 -4.42
C ASP A 76 -43.00 11.45 -5.79
N THR A 77 -42.20 11.26 -6.83
CA THR A 77 -42.69 10.97 -8.20
C THR A 77 -42.09 9.63 -8.63
N ALA A 78 -42.80 8.89 -9.48
CA ALA A 78 -42.43 7.54 -9.98
C ALA A 78 -41.90 7.65 -11.41
N THR A 79 -41.00 6.73 -11.81
CA THR A 79 -40.49 6.61 -13.20
C THR A 79 -40.39 5.13 -13.59
N GLU A 80 -40.68 4.85 -14.87
CA GLU A 80 -40.98 3.49 -15.40
C GLU A 80 -39.69 2.81 -15.88
N ASP A 81 -38.51 3.33 -15.47
CA ASP A 81 -37.22 2.64 -15.63
C ASP A 81 -37.19 1.47 -14.65
N ILE A 82 -37.31 0.24 -15.16
CA ILE A 82 -37.22 -1.02 -14.36
C ILE A 82 -35.73 -1.37 -14.20
N VAL A 83 -35.35 -1.81 -12.99
CA VAL A 83 -33.97 -2.27 -12.64
C VAL A 83 -34.09 -3.48 -11.69
N GLY A 84 -33.18 -4.44 -11.86
CA GLY A 84 -32.78 -5.39 -10.81
C GLY A 84 -31.54 -4.89 -10.12
N VAL A 85 -31.59 -4.75 -8.79
CA VAL A 85 -30.43 -4.34 -7.96
C VAL A 85 -30.29 -5.34 -6.83
N ALA A 86 -29.06 -5.53 -6.37
CA ALA A 86 -28.74 -6.31 -5.15
C ALA A 86 -27.84 -5.47 -4.23
N GLY A 87 -28.13 -5.54 -2.93
CA GLY A 87 -27.42 -4.78 -1.90
C GLY A 87 -27.41 -5.52 -0.57
N ARG A 88 -26.69 -4.98 0.41
CA ARG A 88 -26.71 -5.51 1.79
C ARG A 88 -27.68 -4.64 2.59
N VAL A 89 -28.63 -5.28 3.28
CA VAL A 89 -29.63 -4.58 4.15
C VAL A 89 -28.88 -4.19 5.42
N ILE A 90 -28.76 -2.88 5.67
CA ILE A 90 -27.94 -2.30 6.78
C ILE A 90 -28.82 -1.35 7.62
N PHE A 91 -30.13 -1.45 7.45
CA PHE A 91 -31.21 -0.74 8.19
C PHE A 91 -32.52 -1.35 7.69
N ALA A 92 -33.49 -1.55 8.58
CA ALA A 92 -34.85 -2.02 8.22
C ALA A 92 -35.88 -1.35 9.15
N ARG A 93 -37.00 -0.89 8.58
CA ARG A 93 -38.06 -0.11 9.28
C ARG A 93 -39.43 -0.73 8.94
N ASN A 94 -39.73 -1.88 9.55
CA ASN A 94 -40.85 -2.78 9.18
C ASN A 94 -42.14 -2.25 9.83
N SER A 95 -43.25 -2.21 9.08
CA SER A 95 -44.41 -1.32 9.38
C SER A 95 -45.73 -1.84 8.78
N GLY A 96 -46.11 -3.10 9.01
CA GLY A 96 -47.43 -3.66 8.66
C GLY A 96 -47.57 -4.02 7.18
N LYS A 97 -48.04 -3.08 6.36
CA LYS A 97 -48.27 -3.27 4.90
C LYS A 97 -47.06 -2.78 4.09
N LEU A 98 -46.01 -2.26 4.74
CA LEU A 98 -44.86 -1.60 4.05
C LEU A 98 -43.59 -1.65 4.91
N CYS A 99 -42.54 -2.33 4.40
CA CYS A 99 -41.19 -2.42 5.01
C CYS A 99 -40.21 -1.57 4.20
N PHE A 100 -39.40 -0.74 4.87
CA PHE A 100 -38.28 0.01 4.25
C PHE A 100 -36.96 -0.57 4.75
N ALA A 101 -36.03 -0.79 3.82
CA ALA A 101 -34.63 -1.17 4.12
C ALA A 101 -33.69 -0.21 3.39
N THR A 102 -32.50 -0.01 3.94
CA THR A 102 -31.39 0.60 3.18
C THR A 102 -30.53 -0.54 2.67
N LEU A 103 -30.43 -0.61 1.34
CA LEU A 103 -29.53 -1.54 0.65
C LEU A 103 -28.27 -0.76 0.32
N GLN A 104 -27.15 -1.20 0.88
CA GLN A 104 -25.80 -0.64 0.61
C GLN A 104 -25.05 -1.63 -0.28
N ASP A 105 -24.61 -1.16 -1.45
CA ASP A 105 -23.65 -1.87 -2.34
C ASP A 105 -22.30 -1.99 -1.60
N GLY A 106 -21.30 -2.64 -2.21
CA GLY A 106 -20.00 -2.90 -1.57
C GLY A 106 -19.08 -1.68 -1.55
N ASP A 107 -19.37 -0.67 -2.38
CA ASP A 107 -18.61 0.60 -2.47
C ASP A 107 -19.19 1.61 -1.47
N GLY A 108 -20.33 1.28 -0.88
CA GLY A 108 -20.99 2.10 0.16
C GLY A 108 -22.21 2.82 -0.37
N THR A 109 -22.33 2.93 -1.70
CA THR A 109 -23.48 3.59 -2.36
C THR A 109 -24.76 3.00 -1.76
N GLN A 110 -25.77 3.83 -1.53
CA GLN A 110 -27.03 3.41 -0.86
C GLN A 110 -28.21 3.62 -1.81
N LEU A 111 -29.08 2.63 -1.89
CA LEU A 111 -30.46 2.80 -2.39
C LEU A 111 -31.43 2.30 -1.32
N GLN A 112 -32.59 2.94 -1.18
CA GLN A 112 -33.66 2.42 -0.28
C GLN A 112 -34.63 1.57 -1.12
N VAL A 113 -35.01 0.41 -0.58
CA VAL A 113 -36.09 -0.45 -1.16
C VAL A 113 -37.33 -0.31 -0.27
N MET A 114 -38.52 -0.49 -0.89
CA MET A 114 -39.84 -0.48 -0.23
C MET A 114 -40.58 -1.78 -0.58
N ILE A 115 -40.44 -2.80 0.28
CA ILE A 115 -41.18 -4.10 0.28
C ILE A 115 -42.63 -3.80 0.74
N SER A 116 -43.58 -3.82 -0.20
CA SER A 116 -45.00 -3.42 0.02
C SER A 116 -45.95 -4.62 -0.16
N LEU A 117 -47.02 -4.63 0.63
CA LEU A 117 -48.16 -5.58 0.52
C LEU A 117 -48.74 -5.51 -0.90
N ASP A 118 -48.98 -4.28 -1.40
CA ASP A 118 -49.89 -3.96 -2.54
C ASP A 118 -49.23 -4.24 -3.88
N LYS A 119 -47.91 -4.05 -3.98
CA LYS A 119 -47.17 -4.26 -5.24
C LYS A 119 -47.22 -5.75 -5.60
N VAL A 120 -46.55 -6.62 -4.84
CA VAL A 120 -46.73 -8.09 -5.02
C VAL A 120 -46.41 -8.82 -3.70
N GLY A 121 -47.36 -9.63 -3.22
CA GLY A 121 -47.12 -10.62 -2.15
C GLY A 121 -47.48 -10.10 -0.77
N GLN A 122 -48.61 -10.55 -0.21
CA GLN A 122 -48.86 -10.51 1.26
C GLN A 122 -47.89 -11.50 1.90
N ALA A 123 -47.76 -12.66 1.25
CA ALA A 123 -46.86 -13.78 1.65
C ALA A 123 -45.41 -13.35 1.47
N ALA A 124 -45.13 -12.52 0.45
CA ALA A 124 -43.81 -11.89 0.19
C ALA A 124 -43.44 -10.97 1.37
N LEU A 125 -44.44 -10.25 1.89
CA LEU A 125 -44.27 -9.29 3.00
C LEU A 125 -43.99 -10.08 4.27
N ASP A 126 -44.67 -11.22 4.43
CA ASP A 126 -44.51 -12.10 5.62
C ASP A 126 -43.11 -12.73 5.56
N ALA A 127 -42.77 -13.31 4.40
CA ALA A 127 -41.43 -13.85 4.06
C ALA A 127 -40.37 -12.76 4.34
N TRP A 128 -40.51 -11.58 3.73
CA TRP A 128 -39.64 -10.41 4.05
C TRP A 128 -39.43 -10.35 5.57
N LYS A 129 -40.50 -10.04 6.31
CA LYS A 129 -40.49 -9.71 7.76
C LYS A 129 -39.79 -10.81 8.55
N ALA A 130 -40.08 -12.08 8.22
CA ALA A 130 -39.68 -13.27 9.01
C ALA A 130 -38.26 -13.73 8.64
N ASP A 131 -37.87 -13.59 7.38
CA ASP A 131 -36.66 -14.27 6.82
C ASP A 131 -35.47 -13.31 6.73
N VAL A 132 -35.69 -11.99 6.76
CA VAL A 132 -34.70 -10.95 6.37
C VAL A 132 -34.18 -10.19 7.60
N ASP A 133 -32.89 -10.39 7.94
CA ASP A 133 -32.22 -9.77 9.11
C ASP A 133 -31.31 -8.63 8.60
N LEU A 134 -30.36 -8.15 9.42
CA LEU A 134 -29.34 -7.12 9.08
C LEU A 134 -28.00 -7.80 8.77
N GLY A 135 -27.31 -7.34 7.72
CA GLY A 135 -26.12 -8.00 7.18
C GLY A 135 -26.48 -9.07 6.14
N ASP A 136 -27.73 -9.04 5.67
CA ASP A 136 -28.24 -9.96 4.62
C ASP A 136 -28.14 -9.27 3.26
N ILE A 137 -27.50 -9.97 2.31
CA ILE A 137 -27.43 -9.59 0.88
C ILE A 137 -28.76 -10.01 0.26
N VAL A 138 -29.37 -9.12 -0.54
CA VAL A 138 -30.81 -9.16 -0.95
C VAL A 138 -30.93 -8.55 -2.34
N TYR A 139 -31.59 -9.25 -3.28
CA TYR A 139 -31.89 -8.76 -4.66
C TYR A 139 -33.34 -8.29 -4.66
N VAL A 140 -33.63 -7.16 -5.34
CA VAL A 140 -35.02 -6.72 -5.58
C VAL A 140 -35.12 -6.10 -6.98
N HIS A 141 -36.08 -6.62 -7.76
CA HIS A 141 -36.51 -6.11 -9.09
C HIS A 141 -37.67 -5.14 -8.88
N GLY A 142 -37.77 -4.12 -9.72
CA GLY A 142 -38.97 -3.28 -9.82
C GLY A 142 -38.68 -1.85 -10.19
N ALA A 143 -39.60 -0.95 -9.82
CA ALA A 143 -39.68 0.44 -10.30
C ALA A 143 -38.77 1.34 -9.43
N VAL A 144 -38.21 2.39 -10.03
CA VAL A 144 -37.35 3.38 -9.32
C VAL A 144 -38.17 4.66 -9.07
N ILE A 145 -38.32 5.01 -7.79
CA ILE A 145 -39.12 6.18 -7.30
C ILE A 145 -38.27 6.95 -6.29
N SER A 146 -38.67 8.18 -5.97
CA SER A 146 -38.23 8.93 -4.76
C SER A 146 -39.42 9.18 -3.84
N SER A 147 -39.26 8.85 -2.55
CA SER A 147 -40.29 8.98 -1.49
C SER A 147 -40.40 10.43 -1.00
N ARG A 148 -41.30 10.68 -0.05
CA ARG A 148 -41.64 12.01 0.52
C ARG A 148 -40.36 12.76 0.90
N GLU A 151 -35.61 10.72 -0.95
CA GLU A 151 -34.52 9.70 -0.99
C GLU A 151 -34.85 8.65 -2.06
N LEU A 152 -33.85 8.29 -2.88
CA LEU A 152 -33.99 7.40 -4.06
C LEU A 152 -34.17 5.96 -3.60
N SER A 153 -35.23 5.32 -4.09
CA SER A 153 -35.65 3.97 -3.65
C SER A 153 -36.04 3.13 -4.87
N VAL A 154 -36.11 1.82 -4.68
CA VAL A 154 -36.72 0.88 -5.67
C VAL A 154 -37.97 0.28 -5.02
N LEU A 155 -39.10 0.36 -5.72
CA LEU A 155 -40.40 -0.22 -5.31
C LEU A 155 -40.58 -1.58 -6.01
N ALA A 156 -40.68 -2.65 -5.21
CA ALA A 156 -40.37 -4.05 -5.58
C ALA A 156 -41.51 -4.71 -6.38
N ASP A 157 -41.22 -5.15 -7.62
CA ASP A 157 -42.02 -6.14 -8.42
C ASP A 157 -41.85 -7.49 -7.76
N CYS A 158 -40.59 -7.80 -7.46
CA CYS A 158 -40.10 -9.08 -6.90
C CYS A 158 -39.04 -8.77 -5.82
N TRP A 159 -38.63 -9.81 -5.06
CA TRP A 159 -37.45 -9.75 -4.18
C TRP A 159 -37.07 -11.19 -3.80
N ARG A 160 -35.77 -11.41 -3.55
CA ARG A 160 -35.15 -12.73 -3.25
C ARG A 160 -33.96 -12.45 -2.33
N ILE A 161 -33.57 -13.40 -1.49
CA ILE A 161 -32.29 -13.35 -0.73
C ILE A 161 -31.16 -13.93 -1.60
N ALA A 162 -29.99 -13.29 -1.57
CA ALA A 162 -28.79 -13.69 -2.33
C ALA A 162 -27.79 -14.35 -1.39
N ALA A 163 -27.77 -13.95 -0.11
CA ALA A 163 -26.97 -14.59 0.96
C ALA A 163 -27.63 -14.36 2.33
N LYS A 164 -27.58 -15.38 3.19
CA LYS A 164 -28.13 -15.34 4.57
C LYS A 164 -26.95 -15.24 5.53
N SER A 165 -26.83 -14.12 6.25
CA SER A 165 -25.75 -13.86 7.25
C SER A 165 -26.10 -14.55 8.56
N LEU A 166 -25.14 -15.28 9.12
CA LEU A 166 -25.26 -16.02 10.40
C LEU A 166 -24.42 -15.31 11.48
N ARG A 167 -24.16 -14.02 11.29
CA ARG A 167 -23.46 -13.11 12.24
C ARG A 167 -23.97 -11.69 12.04
N PRO A 168 -24.57 -11.04 13.05
CA PRO A 168 -25.04 -9.67 12.88
C PRO A 168 -23.80 -8.77 12.77
N LEU A 169 -23.90 -7.69 11.99
CA LEU A 169 -22.87 -6.62 11.95
C LEU A 169 -22.75 -6.03 13.35
N PRO A 170 -21.53 -5.74 13.89
CA PRO A 170 -21.43 -4.93 15.11
C PRO A 170 -21.84 -3.49 14.76
N VAL A 171 -22.13 -2.67 15.77
CA VAL A 171 -22.55 -1.25 15.55
C VAL A 171 -21.29 -0.38 15.50
N MET A 176 -15.80 -0.88 17.50
CA MET A 176 -14.72 -1.71 16.91
C MET A 176 -13.33 -1.07 17.13
N SER A 177 -12.49 -1.69 17.97
CA SER A 177 -11.07 -1.30 18.24
C SER A 177 -10.24 -1.37 16.95
N GLU A 178 -9.03 -0.80 16.96
CA GLU A 178 -8.08 -0.82 15.80
C GLU A 178 -7.75 -2.27 15.43
N GLU A 179 -7.29 -3.06 16.40
CA GLU A 179 -6.67 -4.40 16.19
C GLU A 179 -7.75 -5.47 15.99
N SER A 180 -9.02 -5.14 16.23
CA SER A 180 -10.19 -6.00 15.90
C SER A 180 -10.73 -5.63 14.51
N ARG A 181 -10.59 -4.36 14.12
CA ARG A 181 -10.90 -3.84 12.75
C ARG A 181 -9.99 -4.53 11.72
N VAL A 182 -8.77 -4.89 12.14
CA VAL A 182 -7.64 -5.33 11.26
C VAL A 182 -7.56 -6.86 11.25
N ARG A 183 -8.06 -7.51 12.30
CA ARG A 183 -8.24 -8.99 12.37
C ARG A 183 -9.48 -9.40 11.58
N GLN A 184 -10.28 -8.44 11.11
CA GLN A 184 -11.59 -8.65 10.43
C GLN A 184 -11.88 -7.51 9.45
N ARG A 185 -11.04 -7.34 8.43
CA ARG A 185 -11.09 -6.21 7.49
C ARG A 185 -12.39 -6.27 6.69
N TYR A 186 -12.85 -7.49 6.38
CA TYR A 186 -14.11 -7.75 5.65
C TYR A 186 -15.29 -7.08 6.36
N VAL A 187 -15.33 -7.10 7.69
CA VAL A 187 -16.40 -6.41 8.47
C VAL A 187 -16.14 -4.90 8.40
N ASP A 188 -14.89 -4.51 8.63
CA ASP A 188 -14.45 -3.09 8.63
C ASP A 188 -14.91 -2.42 7.32
N LEU A 189 -14.67 -3.08 6.19
CA LEU A 189 -15.00 -2.60 4.81
C LEU A 189 -16.50 -2.40 4.64
N ILE A 190 -17.33 -3.18 5.34
CA ILE A 190 -18.82 -3.08 5.23
C ILE A 190 -19.31 -1.91 6.08
N VAL A 191 -18.82 -1.77 7.31
CA VAL A 191 -19.40 -0.82 8.31
C VAL A 191 -18.64 0.51 8.39
N ARG A 192 -17.37 0.58 7.93
CA ARG A 192 -16.50 1.78 8.06
C ARG A 192 -16.15 2.38 6.70
N PRO A 193 -16.82 3.48 6.26
CA PRO A 193 -16.57 4.06 4.94
C PRO A 193 -15.09 4.35 4.67
N GLU A 194 -14.38 4.82 5.71
CA GLU A 194 -12.95 5.21 5.69
C GLU A 194 -12.10 4.04 5.19
N ALA A 195 -12.40 2.81 5.64
CA ALA A 195 -11.65 1.57 5.30
C ALA A 195 -11.83 1.27 3.79
N ARG A 196 -13.04 1.50 3.30
CA ARG A 196 -13.36 1.50 1.84
C ARG A 196 -12.47 2.51 1.12
N ALA A 197 -12.49 3.76 1.56
CA ALA A 197 -11.74 4.90 0.97
C ALA A 197 -10.23 4.59 0.92
N VAL A 198 -9.68 4.06 2.02
CA VAL A 198 -8.22 3.73 2.15
C VAL A 198 -7.84 2.57 1.22
N ALA A 199 -8.64 1.52 1.16
CA ALA A 199 -8.35 0.33 0.32
C ALA A 199 -8.32 0.78 -1.14
N ARG A 200 -9.34 1.52 -1.58
CA ARG A 200 -9.38 2.05 -2.96
C ARG A 200 -8.16 2.95 -3.17
N LEU A 201 -7.82 3.80 -2.19
CA LEU A 201 -6.69 4.77 -2.33
C LEU A 201 -5.38 4.04 -2.68
N ARG A 202 -4.99 3.03 -1.90
CA ARG A 202 -3.76 2.23 -2.13
C ARG A 202 -3.74 1.64 -3.53
N ILE A 203 -4.86 1.05 -3.95
CA ILE A 203 -5.04 0.44 -5.30
C ILE A 203 -4.82 1.51 -6.37
N ALA A 204 -5.32 2.72 -6.12
CA ALA A 204 -5.20 3.88 -7.05
C ALA A 204 -3.75 4.38 -7.05
N VAL A 205 -3.08 4.37 -5.89
CA VAL A 205 -1.66 4.84 -5.80
C VAL A 205 -0.83 3.90 -6.67
N VAL A 206 -1.10 2.59 -6.54
CA VAL A 206 -0.29 1.50 -7.17
C VAL A 206 -0.51 1.57 -8.68
N ARG A 207 -1.75 1.77 -9.11
CA ARG A 207 -2.10 2.00 -10.54
C ARG A 207 -1.31 3.22 -11.04
N ALA A 208 -1.46 4.37 -10.39
CA ALA A 208 -0.76 5.64 -10.74
C ALA A 208 0.76 5.42 -10.88
N ILE A 209 1.34 4.51 -10.09
CA ILE A 209 2.80 4.27 -10.11
C ILE A 209 3.17 3.58 -11.41
N ARG A 210 2.54 2.43 -11.68
CA ARG A 210 2.72 1.65 -12.93
C ARG A 210 2.45 2.57 -14.12
N THR A 211 1.40 3.38 -14.07
CA THR A 211 1.11 4.31 -15.19
C THR A 211 2.35 5.20 -15.38
N ALA A 212 2.84 5.83 -14.31
CA ALA A 212 3.95 6.83 -14.35
C ALA A 212 5.22 6.19 -14.92
N LEU A 213 5.59 5.01 -14.40
CA LEU A 213 6.81 4.30 -14.86
C LEU A 213 6.65 3.81 -16.31
N GLN A 214 5.44 3.42 -16.73
CA GLN A 214 5.18 2.90 -18.11
C GLN A 214 5.19 4.07 -19.12
N ARG A 215 4.57 5.19 -18.82
CA ARG A 215 4.74 6.44 -19.63
C ARG A 215 6.24 6.67 -19.94
N ARG A 216 7.13 6.37 -18.98
CA ARG A 216 8.57 6.71 -19.10
C ARG A 216 9.37 5.58 -19.76
N GLY A 217 8.69 4.53 -20.25
CA GLY A 217 9.35 3.40 -20.95
C GLY A 217 9.92 2.36 -20.00
N PHE A 218 9.52 2.32 -18.74
CA PHE A 218 9.98 1.24 -17.82
C PHE A 218 9.20 -0.07 -18.11
N LEU A 219 9.88 -1.21 -17.92
CA LEU A 219 9.30 -2.57 -18.09
C LEU A 219 9.23 -3.21 -16.72
N GLU A 220 8.06 -3.73 -16.36
CA GLU A 220 7.84 -4.44 -15.08
C GLU A 220 8.27 -5.91 -15.26
N VAL A 221 9.15 -6.37 -14.39
CA VAL A 221 9.75 -7.73 -14.48
C VAL A 221 9.37 -8.46 -13.19
N GLU A 222 9.35 -9.78 -13.24
CA GLU A 222 9.15 -10.68 -12.08
C GLU A 222 10.49 -11.40 -11.84
N THR A 223 11.10 -11.15 -10.67
CA THR A 223 12.36 -11.78 -10.19
C THR A 223 12.04 -12.72 -9.02
N PRO A 224 12.90 -13.71 -8.68
CA PRO A 224 12.55 -14.70 -7.66
C PRO A 224 12.28 -14.16 -6.25
N VAL A 225 11.24 -14.68 -5.60
CA VAL A 225 11.03 -14.52 -4.15
C VAL A 225 11.85 -15.58 -3.40
N LEU A 226 11.92 -16.82 -3.89
CA LEU A 226 12.78 -17.86 -3.27
C LEU A 226 14.16 -17.83 -3.93
N GLN A 227 15.19 -17.75 -3.08
CA GLN A 227 16.61 -17.52 -3.45
C GLN A 227 17.46 -18.43 -2.57
N THR A 228 18.59 -18.87 -3.12
CA THR A 228 19.58 -19.76 -2.44
C THR A 228 20.29 -18.95 -1.34
N LEU A 229 20.51 -17.66 -1.58
CA LEU A 229 20.86 -16.65 -0.54
C LEU A 229 20.19 -15.32 -0.91
N ALA A 230 19.56 -14.67 0.09
CA ALA A 230 18.87 -13.37 -0.05
C ALA A 230 19.87 -12.23 0.19
N GLY A 231 19.94 -11.27 -0.73
CA GLY A 231 20.88 -10.13 -0.70
C GLY A 231 20.31 -8.90 -1.41
N GLY A 232 20.98 -7.75 -1.29
CA GLY A 232 20.51 -6.46 -1.84
C GLY A 232 19.92 -5.54 -0.79
N ALA A 233 19.99 -5.89 0.49
CA ALA A 233 19.62 -5.01 1.62
C ALA A 233 20.20 -5.55 2.94
N ALA A 234 20.08 -4.75 4.01
CA ALA A 234 20.54 -5.08 5.37
C ALA A 234 19.34 -5.54 6.21
N ALA A 235 19.16 -6.86 6.33
CA ALA A 235 18.02 -7.49 7.04
C ALA A 235 18.31 -8.99 7.27
N ARG A 236 17.66 -9.59 8.27
CA ARG A 236 17.73 -11.06 8.53
C ARG A 236 16.59 -11.75 7.79
N PRO A 237 16.89 -12.65 6.83
CA PRO A 237 15.87 -13.27 5.98
C PRO A 237 15.02 -14.35 6.67
N PHE A 238 13.79 -14.54 6.18
CA PHE A 238 12.99 -15.77 6.37
C PHE A 238 13.60 -16.88 5.51
N ALA A 239 14.02 -17.96 6.18
CA ALA A 239 14.42 -19.25 5.57
C ALA A 239 13.18 -20.12 5.43
N THR A 240 13.22 -21.09 4.52
CA THR A 240 12.23 -22.20 4.39
C THR A 240 12.99 -23.42 3.86
N HIS A 241 12.53 -24.62 4.22
CA HIS A 241 13.04 -25.90 3.66
C HIS A 241 12.24 -26.21 2.39
N SER A 242 12.94 -26.65 1.35
CA SER A 242 12.40 -27.18 0.07
C SER A 242 12.44 -28.72 0.10
N ASN A 243 11.41 -29.38 -0.43
CA ASN A 243 11.24 -30.86 -0.41
C ASN A 243 11.77 -31.42 -1.74
N ALA A 244 11.47 -30.72 -2.84
CA ALA A 244 12.06 -30.96 -4.18
C ALA A 244 13.59 -31.10 -4.08
N LEU A 245 14.26 -30.15 -3.40
CA LEU A 245 15.74 -29.98 -3.44
C LEU A 245 16.40 -30.40 -2.11
N ASP A 246 15.62 -30.57 -1.05
CA ASP A 246 16.13 -30.95 0.30
C ASP A 246 17.23 -29.97 0.72
N ILE A 247 17.01 -28.66 0.49
CA ILE A 247 17.86 -27.56 1.02
C ILE A 247 16.93 -26.54 1.69
N ASP A 248 17.50 -25.62 2.48
CA ASP A 248 16.84 -24.36 2.92
C ASP A 248 16.91 -23.34 1.78
N LEU A 249 15.80 -22.65 1.51
CA LEU A 249 15.75 -21.45 0.63
C LEU A 249 15.34 -20.26 1.49
N TYR A 250 15.51 -19.05 0.96
CA TYR A 250 15.35 -17.76 1.67
C TYR A 250 14.45 -16.84 0.84
N LEU A 251 13.45 -16.27 1.50
CA LEU A 251 12.53 -15.29 0.87
C LEU A 251 13.31 -14.00 0.64
N ARG A 252 12.98 -13.31 -0.46
CA ARG A 252 13.81 -12.16 -0.90
C ARG A 252 13.60 -11.02 0.11
N ILE A 253 14.72 -10.50 0.61
CA ILE A 253 14.77 -9.25 1.41
C ILE A 253 14.61 -8.07 0.44
N ALA A 254 15.03 -8.27 -0.81
CA ALA A 254 15.05 -7.23 -1.86
C ALA A 254 15.44 -7.83 -3.21
N PRO A 255 14.88 -7.29 -4.32
CA PRO A 255 15.14 -7.76 -5.69
C PRO A 255 16.34 -7.18 -6.44
N GLU A 256 17.06 -6.29 -5.76
CA GLU A 256 18.13 -5.45 -6.35
C GLU A 256 19.11 -6.33 -7.12
N LEU A 257 19.67 -7.37 -6.50
CA LEU A 257 20.76 -8.15 -7.11
C LEU A 257 20.27 -8.77 -8.44
N PHE A 258 19.00 -9.18 -8.48
CA PHE A 258 18.38 -9.83 -9.68
C PHE A 258 18.00 -8.78 -10.70
N LEU A 259 17.57 -7.60 -10.24
CA LEU A 259 17.25 -6.47 -11.16
C LEU A 259 18.53 -5.98 -11.84
N LYS A 260 19.68 -6.04 -11.16
CA LYS A 260 21.00 -5.64 -11.72
C LYS A 260 21.44 -6.65 -12.81
N ARG A 261 21.08 -7.92 -12.68
CA ARG A 261 21.34 -8.96 -13.71
C ARG A 261 20.52 -8.66 -14.98
N CYS A 262 19.34 -8.06 -14.82
CA CYS A 262 18.48 -7.61 -15.95
C CYS A 262 19.12 -6.44 -16.70
N ILE A 263 19.84 -5.55 -16.00
CA ILE A 263 20.55 -4.41 -16.63
C ILE A 263 21.75 -4.99 -17.40
N VAL A 264 22.53 -5.87 -16.74
CA VAL A 264 23.66 -6.62 -17.38
C VAL A 264 23.07 -7.22 -18.65
N GLY A 265 21.90 -7.85 -18.49
CA GLY A 265 21.17 -8.61 -19.52
C GLY A 265 20.66 -7.75 -20.67
N GLY A 266 20.54 -6.44 -20.50
CA GLY A 266 20.17 -5.56 -21.64
C GLY A 266 18.91 -4.75 -21.42
N PHE A 267 18.18 -4.98 -20.34
CA PHE A 267 17.09 -4.08 -19.92
C PHE A 267 17.67 -2.67 -19.74
N ASP A 268 17.11 -1.70 -20.48
CA ASP A 268 17.38 -0.24 -20.36
C ASP A 268 16.76 0.28 -19.06
N LYS A 269 15.43 0.15 -18.91
CA LYS A 269 14.62 0.73 -17.80
C LYS A 269 13.69 -0.33 -17.23
N VAL A 270 13.99 -0.82 -16.02
CA VAL A 270 13.20 -1.90 -15.37
C VAL A 270 12.71 -1.43 -14.01
N PHE A 271 11.56 -1.95 -13.59
CA PHE A 271 11.13 -1.93 -12.18
C PHE A 271 10.45 -3.23 -11.82
N GLU A 272 9.95 -3.24 -10.60
CA GLU A 272 9.32 -4.38 -9.93
C GLU A 272 8.61 -3.81 -8.69
N LEU A 273 7.31 -4.01 -8.61
CA LEU A 273 6.43 -3.51 -7.53
C LEU A 273 5.74 -4.73 -6.94
N ASN A 274 6.20 -5.18 -5.77
CA ASN A 274 5.96 -6.56 -5.27
C ASN A 274 6.59 -6.74 -3.88
N ARG A 275 6.20 -7.80 -3.18
CA ARG A 275 6.42 -7.93 -1.72
C ARG A 275 7.90 -8.17 -1.44
N VAL A 276 8.40 -7.66 -0.33
CA VAL A 276 9.74 -8.07 0.18
C VAL A 276 9.54 -8.64 1.58
N PHE A 277 10.46 -9.45 2.09
CA PHE A 277 10.28 -10.16 3.38
C PHE A 277 11.55 -9.98 4.23
N ARG A 278 11.36 -9.38 5.41
CA ARG A 278 12.46 -9.01 6.35
C ARG A 278 12.06 -9.54 7.73
N ASN A 279 12.80 -10.55 8.22
CA ASN A 279 12.48 -11.32 9.45
C ASN A 279 13.02 -10.55 10.64
N GLU A 280 12.55 -9.32 10.80
CA GLU A 280 12.90 -8.41 11.90
C GLU A 280 11.61 -8.06 12.64
N GLY A 281 11.67 -7.09 13.56
CA GLY A 281 10.51 -6.63 14.34
C GLY A 281 9.60 -5.72 13.53
N ALA A 282 8.35 -5.58 14.00
CA ALA A 282 7.35 -4.64 13.48
C ALA A 282 7.36 -3.36 14.34
N ASP A 283 7.17 -2.20 13.70
CA ASP A 283 6.89 -0.90 14.36
C ASP A 283 6.12 -0.03 13.35
N SER A 284 6.04 1.29 13.59
CA SER A 284 5.06 2.20 12.91
C SER A 284 5.48 2.45 11.44
N THR A 285 6.75 2.19 11.08
CA THR A 285 7.31 2.33 9.71
C THR A 285 7.92 1.00 9.21
N HIS A 286 7.72 -0.11 9.94
CA HIS A 286 8.37 -1.44 9.74
C HIS A 286 7.35 -2.58 9.89
N SER A 287 7.30 -3.49 8.91
CA SER A 287 6.57 -4.78 9.00
C SER A 287 7.36 -5.87 8.29
N PRO A 288 7.22 -7.15 8.71
CA PRO A 288 8.04 -8.24 8.16
C PRO A 288 7.69 -8.62 6.70
N GLU A 289 6.49 -8.25 6.25
CA GLU A 289 6.08 -8.37 4.85
C GLU A 289 5.52 -7.02 4.40
N PHE A 290 6.06 -6.45 3.33
CA PHE A 290 5.54 -5.16 2.82
C PHE A 290 5.85 -5.00 1.36
N SER A 291 5.00 -4.23 0.68
CA SER A 291 5.10 -3.92 -0.75
C SER A 291 6.12 -2.78 -0.92
N MET A 292 7.02 -2.97 -1.87
CA MET A 292 8.21 -2.14 -2.11
C MET A 292 8.40 -2.03 -3.61
N LEU A 293 8.63 -0.82 -4.12
CA LEU A 293 9.01 -0.51 -5.51
C LEU A 293 10.54 -0.39 -5.56
N GLU A 294 11.16 -0.99 -6.60
CA GLU A 294 12.58 -0.78 -7.01
C GLU A 294 12.59 -0.45 -8.49
N THR A 295 13.50 0.42 -8.92
CA THR A 295 13.57 0.90 -10.33
C THR A 295 15.03 1.13 -10.73
N TYR A 296 15.43 0.70 -11.92
CA TYR A 296 16.80 0.90 -12.49
C TYR A 296 16.68 1.53 -13.87
N GLN A 297 17.49 2.56 -14.09
CA GLN A 297 17.58 3.33 -15.34
C GLN A 297 19.05 3.31 -15.76
N THR A 298 19.36 2.81 -16.95
CA THR A 298 20.73 2.81 -17.50
C THR A 298 21.13 4.21 -17.96
N TYR A 299 22.39 4.60 -17.72
CA TYR A 299 22.99 5.86 -18.22
C TYR A 299 22.28 7.08 -17.61
N GLY A 300 21.97 6.99 -16.32
CA GLY A 300 21.65 8.14 -15.46
C GLY A 300 22.27 7.92 -14.10
N THR A 301 22.47 8.99 -13.35
CA THR A 301 23.01 8.92 -11.97
C THR A 301 21.90 9.28 -10.98
N TYR A 302 22.27 9.27 -9.70
CA TYR A 302 21.42 9.62 -8.54
C TYR A 302 20.87 11.03 -8.75
N ASP A 303 21.63 11.93 -9.37
CA ASP A 303 21.05 13.23 -9.77
C ASP A 303 19.79 12.96 -10.59
N ASP A 304 19.89 12.09 -11.60
CA ASP A 304 18.79 11.81 -12.57
C ASP A 304 17.58 11.18 -11.84
N SER A 305 17.79 10.26 -10.87
CA SER A 305 16.74 9.40 -10.26
C SER A 305 16.03 10.13 -9.09
N ALA A 306 16.70 11.12 -8.53
CA ALA A 306 16.12 12.17 -7.65
C ALA A 306 15.00 12.88 -8.41
N VAL A 307 15.25 13.27 -9.66
CA VAL A 307 14.27 14.11 -10.42
C VAL A 307 13.06 13.22 -10.68
N VAL A 308 13.30 11.95 -11.05
CA VAL A 308 12.22 10.98 -11.41
C VAL A 308 11.39 10.68 -10.16
N THR A 309 12.04 10.42 -9.01
CA THR A 309 11.32 10.08 -7.76
C THR A 309 10.39 11.23 -7.37
N ARG A 310 10.85 12.47 -7.48
CA ARG A 310 9.99 13.65 -7.21
C ARG A 310 8.80 13.62 -8.16
N GLU A 311 9.03 13.53 -9.46
CA GLU A 311 7.91 13.59 -10.46
C GLU A 311 6.94 12.44 -10.14
N LEU A 312 7.47 11.24 -9.96
CA LEU A 312 6.68 10.00 -9.74
C LEU A 312 5.75 10.25 -8.56
N ILE A 313 6.28 10.74 -7.44
CA ILE A 313 5.46 10.99 -6.22
C ILE A 313 4.42 12.06 -6.52
N GLN A 314 4.80 13.14 -7.20
CA GLN A 314 3.91 14.30 -7.49
C GLN A 314 2.81 13.82 -8.43
N GLU A 315 3.16 13.03 -9.44
CA GLU A 315 2.19 12.44 -10.40
C GLU A 315 1.23 11.52 -9.64
N VAL A 316 1.70 10.80 -8.63
CA VAL A 316 0.84 9.84 -7.87
C VAL A 316 -0.21 10.63 -7.08
N ALA A 317 0.26 11.59 -6.28
CA ALA A 317 -0.60 12.51 -5.52
C ALA A 317 -1.72 13.01 -6.44
N ASP A 318 -1.38 13.53 -7.62
CA ASP A 318 -2.38 14.12 -8.55
C ASP A 318 -3.39 13.03 -8.97
N GLU A 319 -2.93 11.93 -9.57
CA GLU A 319 -3.80 10.83 -10.06
C GLU A 319 -4.70 10.33 -8.92
N ALA A 320 -4.16 10.08 -7.73
CA ALA A 320 -4.82 9.27 -6.67
C ALA A 320 -5.43 10.14 -5.55
N ILE A 321 -5.00 11.40 -5.40
CA ILE A 321 -5.46 12.29 -4.29
C ILE A 321 -6.06 13.58 -4.88
N GLY A 322 -5.64 14.00 -6.08
CA GLY A 322 -6.25 15.14 -6.77
C GLY A 322 -5.61 16.47 -6.39
N THR A 323 -4.59 16.45 -5.53
CA THR A 323 -3.90 17.66 -5.01
C THR A 323 -2.47 17.37 -4.54
N ARG A 324 -1.58 18.35 -4.68
CA ARG A 324 -0.25 18.29 -4.03
C ARG A 324 -0.29 19.03 -2.67
N GLN A 325 -1.44 19.58 -2.29
CA GLN A 325 -1.66 20.22 -0.96
C GLN A 325 -2.37 19.19 -0.07
N LEU A 326 -1.60 18.26 0.51
CA LEU A 326 -2.10 17.01 1.13
C LEU A 326 -2.71 17.31 2.49
N PRO A 327 -4.04 17.16 2.68
CA PRO A 327 -4.64 17.33 4.01
C PRO A 327 -4.36 16.12 4.90
N LEU A 328 -4.28 16.33 6.22
CA LEU A 328 -3.91 15.26 7.19
C LEU A 328 -4.96 15.21 8.30
N PRO A 329 -4.97 14.13 9.14
CA PRO A 329 -5.92 13.98 10.25
C PRO A 329 -5.77 15.04 11.36
N ASP A 330 -4.54 15.53 11.51
CA ASP A 330 -4.16 16.87 12.04
C ASP A 330 -5.27 17.88 11.74
N GLY A 331 -5.68 17.97 10.46
CA GLY A 331 -6.44 19.10 9.91
C GLY A 331 -5.50 20.09 9.23
N SER A 332 -4.20 19.85 9.33
CA SER A 332 -3.13 20.63 8.66
C SER A 332 -3.12 20.30 7.16
N VAL A 333 -2.20 20.93 6.42
CA VAL A 333 -2.03 20.74 4.96
C VAL A 333 -0.53 20.72 4.64
N TYR A 334 -0.04 19.64 4.03
CA TYR A 334 1.41 19.44 3.74
C TYR A 334 1.63 19.69 2.25
N ASP A 335 2.26 20.80 1.89
CA ASP A 335 2.55 21.15 0.47
C ASP A 335 3.72 20.30 -0.04
N ILE A 336 3.51 19.46 -1.06
CA ILE A 336 4.60 18.66 -1.70
C ILE A 336 4.82 19.14 -3.13
N ASP A 337 4.16 20.22 -3.54
CA ASP A 337 4.33 20.84 -4.88
C ASP A 337 5.74 21.48 -4.98
N GLY A 338 6.08 22.00 -6.14
CA GLY A 338 7.31 22.76 -6.37
C GLY A 338 8.54 21.86 -6.41
N GLU A 339 9.71 22.47 -6.28
CA GLU A 339 11.04 21.79 -6.26
C GLU A 339 11.34 21.40 -4.81
N TRP A 340 12.28 20.47 -4.57
CA TRP A 340 12.62 19.95 -3.21
C TRP A 340 14.10 20.21 -2.85
N ALA A 341 14.37 20.64 -1.61
CA ALA A 341 15.72 20.90 -1.05
C ALA A 341 16.59 19.64 -1.14
N THR A 342 17.87 19.82 -1.48
CA THR A 342 18.96 18.80 -1.37
C THR A 342 20.04 19.33 -0.43
N ILE A 343 20.49 18.50 0.50
CA ILE A 343 21.55 18.81 1.50
C ILE A 343 22.50 17.63 1.53
N GLN A 344 23.77 17.87 1.80
CA GLN A 344 24.77 16.79 1.97
C GLN A 344 24.82 16.40 3.46
N MET A 345 25.07 15.13 3.73
CA MET A 345 24.99 14.55 5.09
C MET A 345 26.06 15.19 5.99
N TYR A 346 27.31 15.12 5.55
CA TYR A 346 28.53 15.57 6.30
C TYR A 346 28.52 17.07 6.56
N PRO A 347 28.32 17.90 5.51
CA PRO A 347 28.17 19.34 5.70
C PRO A 347 26.99 19.69 6.61
N SER A 348 25.82 19.10 6.38
CA SER A 348 24.60 19.39 7.19
C SER A 348 24.88 18.94 8.63
N LEU A 349 25.55 17.79 8.79
CA LEU A 349 25.90 17.30 10.15
C LEU A 349 26.85 18.29 10.82
N SER A 350 27.90 18.71 10.10
CA SER A 350 28.92 19.68 10.58
C SER A 350 28.22 20.91 11.18
N VAL A 351 27.43 21.63 10.39
CA VAL A 351 26.65 22.82 10.82
C VAL A 351 25.86 22.51 12.10
N ALA A 352 25.26 21.33 12.21
CA ALA A 352 24.42 20.94 13.37
C ALA A 352 25.29 20.71 14.62
N LEU A 353 26.50 20.18 14.45
CA LEU A 353 27.43 19.86 15.56
C LEU A 353 28.45 20.98 15.80
N GLY A 354 28.59 21.96 14.91
CA GLY A 354 29.51 23.11 15.10
C GLY A 354 30.97 22.74 14.84
N GLU A 355 31.26 21.82 13.91
CA GLU A 355 32.67 21.42 13.62
C GLU A 355 32.73 20.62 12.33
N GLU A 356 33.90 20.62 11.67
CA GLU A 356 34.13 19.90 10.39
C GLU A 356 34.13 18.40 10.68
N ILE A 357 33.16 17.69 10.10
CA ILE A 357 33.07 16.20 10.09
C ILE A 357 33.32 15.79 8.64
N THR A 358 34.34 14.98 8.39
CA THR A 358 34.68 14.51 7.02
C THR A 358 34.66 12.99 7.03
N PRO A 359 34.82 12.33 5.86
CA PRO A 359 35.17 10.91 5.80
C PRO A 359 36.36 10.55 6.72
N GLN A 360 37.25 11.51 7.01
CA GLN A 360 38.52 11.32 7.80
C GLN A 360 38.25 11.26 9.31
N THR A 361 37.30 12.04 9.82
CA THR A 361 36.90 12.10 11.26
C THR A 361 36.83 10.71 11.90
N THR A 362 37.67 10.45 12.90
CA THR A 362 37.88 9.11 13.54
C THR A 362 36.65 8.71 14.36
N VAL A 363 36.52 7.41 14.68
CA VAL A 363 35.33 6.86 15.39
C VAL A 363 35.39 7.31 16.86
N ASP A 364 36.61 7.45 17.39
CA ASP A 364 36.85 7.95 18.77
C ASP A 364 36.26 9.37 18.86
N ARG A 365 36.61 10.23 17.91
CA ARG A 365 35.99 11.58 17.83
C ARG A 365 34.47 11.45 17.80
N LEU A 366 33.91 10.62 16.91
CA LEU A 366 32.44 10.51 16.67
C LEU A 366 31.70 9.98 17.91
N ARG A 367 32.23 8.93 18.54
CA ARG A 367 31.70 8.35 19.80
C ARG A 367 31.64 9.46 20.85
N GLY A 368 32.73 10.22 20.99
CA GLY A 368 32.80 11.38 21.90
C GLY A 368 31.58 12.26 21.75
N ILE A 369 31.35 12.76 20.52
CA ILE A 369 30.18 13.63 20.20
C ILE A 369 28.90 12.88 20.58
N ALA A 370 28.79 11.62 20.15
CA ALA A 370 27.62 10.76 20.44
C ALA A 370 27.28 10.83 21.93
N ASP A 371 28.26 10.59 22.81
CA ASP A 371 28.09 10.65 24.29
C ASP A 371 27.55 12.01 24.69
N SER A 372 28.23 13.08 24.25
CA SER A 372 27.88 14.49 24.58
C SER A 372 26.38 14.70 24.37
N LEU A 373 25.77 14.00 23.39
CA LEU A 373 24.29 14.01 23.17
C LEU A 373 23.64 12.94 24.07
N GLY A 374 23.62 11.66 23.65
CA GLY A 374 22.99 10.55 24.41
C GLY A 374 22.66 9.36 23.51
N PHE A 387 29.42 0.95 16.56
CA PHE A 387 30.55 0.08 16.13
C PHE A 387 31.58 0.93 15.35
N GLY A 388 31.17 1.61 14.27
CA GLY A 388 32.07 2.18 13.24
C GLY A 388 31.60 3.50 12.61
N HIS A 389 32.48 4.12 11.80
CA HIS A 389 32.36 5.53 11.29
C HIS A 389 31.05 5.69 10.51
N GLY A 390 30.88 4.95 9.42
CA GLY A 390 29.66 4.98 8.60
C GLY A 390 28.42 5.00 9.47
N LYS A 391 28.33 4.09 10.44
CA LYS A 391 27.13 3.92 11.30
C LYS A 391 26.93 5.17 12.14
N LEU A 392 28.02 5.75 12.62
CA LEU A 392 28.01 6.90 13.56
C LEU A 392 27.55 8.15 12.83
N ILE A 393 28.08 8.40 11.64
CA ILE A 393 27.69 9.60 10.83
C ILE A 393 26.16 9.61 10.65
N GLU A 394 25.58 8.47 10.21
CA GLU A 394 24.15 8.37 9.78
C GLU A 394 23.23 8.61 10.98
N GLU A 395 23.63 8.06 12.12
CA GLU A 395 22.94 8.08 13.43
C GLU A 395 22.98 9.50 14.01
N LEU A 396 24.19 10.05 14.15
CA LEU A 396 24.38 11.47 14.54
C LEU A 396 23.57 12.34 13.60
N TRP A 397 23.68 12.11 12.29
CA TRP A 397 22.87 12.89 11.32
C TRP A 397 21.40 12.73 11.66
N GLU A 398 20.94 11.48 11.83
CA GLU A 398 19.51 11.15 12.03
C GLU A 398 19.05 11.86 13.30
N ARG A 399 19.86 11.81 14.37
CA ARG A 399 19.53 12.33 15.72
C ARG A 399 19.57 13.87 15.76
N THR A 400 20.29 14.55 14.86
CA THR A 400 20.36 16.04 14.82
C THR A 400 19.54 16.59 13.63
N VAL A 401 20.07 16.46 12.42
CA VAL A 401 19.48 17.07 11.18
C VAL A 401 18.17 16.36 10.83
N GLY A 402 18.18 15.02 10.81
CA GLY A 402 17.04 14.19 10.37
C GLY A 402 15.75 14.59 11.05
N LYS A 403 15.78 14.72 12.37
CA LYS A 403 14.58 14.87 13.23
C LYS A 403 13.97 16.27 13.05
N SER A 404 14.77 17.24 12.59
CA SER A 404 14.37 18.66 12.42
C SER A 404 13.70 18.91 11.06
N LEU A 405 13.68 17.93 10.16
CA LEU A 405 13.21 18.13 8.76
C LEU A 405 11.68 18.10 8.73
N SER A 406 11.08 18.91 7.87
CA SER A 406 9.61 19.08 7.75
C SER A 406 9.24 19.19 6.27
N ALA A 407 9.81 20.16 5.55
CA ALA A 407 9.63 20.24 4.08
C ALA A 407 10.22 18.98 3.43
N PRO A 408 9.87 18.64 2.19
CA PRO A 408 10.39 17.42 1.61
C PRO A 408 11.85 17.68 1.19
N THR A 409 12.77 16.88 1.72
CA THR A 409 14.24 17.07 1.56
C THR A 409 14.90 15.80 1.05
N PHE A 410 15.81 15.93 0.08
CA PHE A 410 16.81 14.89 -0.24
C PHE A 410 18.09 15.16 0.57
N VAL A 411 18.62 14.15 1.26
CA VAL A 411 20.00 14.13 1.81
C VAL A 411 20.85 13.22 0.92
N LYS A 412 22.06 13.64 0.52
CA LYS A 412 22.94 12.88 -0.40
C LYS A 412 24.41 12.90 0.02
N ASP A 413 25.21 12.07 -0.65
CA ASP A 413 26.66 11.85 -0.41
C ASP A 413 26.80 11.17 0.96
N PHE A 414 26.90 9.84 0.95
CA PHE A 414 26.74 8.99 2.16
C PHE A 414 28.08 8.35 2.51
N PRO A 415 28.29 7.96 3.79
CA PRO A 415 29.44 7.15 4.18
C PRO A 415 29.61 5.82 3.44
N VAL A 416 30.76 5.66 2.79
CA VAL A 416 31.09 4.49 1.92
C VAL A 416 30.85 3.17 2.68
N GLN A 417 31.04 3.14 4.00
CA GLN A 417 30.93 1.89 4.79
C GLN A 417 29.49 1.35 4.76
N THR A 418 28.48 2.21 4.94
CA THR A 418 27.05 1.82 5.15
C THR A 418 26.30 1.69 3.80
N THR A 419 27.04 1.64 2.69
CA THR A 419 26.45 1.67 1.33
C THR A 419 27.28 0.77 0.41
N PRO A 420 27.39 -0.54 0.72
CA PRO A 420 28.24 -1.44 -0.08
C PRO A 420 27.92 -1.60 -1.57
N LEU A 421 26.72 -1.20 -2.03
CA LEU A 421 26.24 -1.49 -3.41
C LEU A 421 26.26 -0.21 -4.26
N THR A 422 26.57 0.93 -3.65
CA THR A 422 26.46 2.23 -4.36
C THR A 422 27.88 2.67 -4.74
N ARG A 423 27.97 3.36 -5.87
CA ARG A 423 29.27 3.73 -6.45
C ARG A 423 29.88 4.80 -5.56
N GLN A 424 31.21 4.76 -5.39
CA GLN A 424 32.02 5.85 -4.77
C GLN A 424 31.70 7.15 -5.54
N HIS A 425 31.61 8.27 -4.83
CA HIS A 425 31.33 9.62 -5.42
C HIS A 425 32.36 9.93 -6.49
N ARG A 426 31.95 10.70 -7.49
CA ARG A 426 32.78 11.01 -8.68
C ARG A 426 33.94 11.95 -8.29
N SER A 427 33.75 12.84 -7.32
CA SER A 427 34.72 13.92 -7.00
C SER A 427 35.11 13.91 -5.51
N ILE A 428 34.14 13.74 -4.61
CA ILE A 428 34.35 13.83 -3.14
C ILE A 428 34.91 12.49 -2.64
N PRO A 429 36.20 12.38 -2.23
CA PRO A 429 36.70 11.11 -1.70
C PRO A 429 35.87 10.69 -0.49
N GLY A 430 35.74 9.37 -0.27
CA GLY A 430 35.21 8.75 0.96
C GLY A 430 33.68 8.63 1.02
N VAL A 431 32.91 9.25 0.10
CA VAL A 431 31.42 9.16 0.14
C VAL A 431 30.88 8.49 -1.14
N THR A 432 29.69 7.88 -1.03
CA THR A 432 28.98 7.22 -2.16
C THR A 432 27.85 8.09 -2.72
N GLU A 433 27.59 7.97 -4.02
CA GLU A 433 26.53 8.74 -4.72
C GLU A 433 25.16 8.12 -4.40
N LYS A 434 24.66 8.39 -3.19
CA LYS A 434 23.38 7.85 -2.66
C LYS A 434 22.55 9.01 -2.12
N TRP A 435 21.23 8.97 -2.26
CA TRP A 435 20.37 9.91 -1.50
C TRP A 435 19.31 9.13 -0.74
N ASP A 436 18.90 9.68 0.40
CA ASP A 436 17.61 9.38 1.09
C ASP A 436 16.69 10.58 0.85
N LEU A 437 15.40 10.29 0.58
CA LEU A 437 14.29 11.29 0.51
C LEU A 437 13.45 11.19 1.77
N TYR A 438 13.29 12.31 2.49
CA TYR A 438 12.40 12.46 3.69
C TYR A 438 11.21 13.32 3.31
N LEU A 439 10.01 12.74 3.35
CA LEU A 439 8.72 13.41 3.06
C LEU A 439 7.89 13.43 4.34
N ARG A 440 7.51 14.63 4.80
CA ARG A 440 6.73 14.85 6.05
C ARG A 440 7.41 14.10 7.18
N GLY A 441 8.74 13.95 7.06
CA GLY A 441 9.63 13.44 8.12
C GLY A 441 9.80 11.94 8.07
N ILE A 442 9.16 11.29 7.09
CA ILE A 442 9.30 9.81 6.90
C ILE A 442 10.45 9.52 5.94
N GLU A 443 11.26 8.52 6.28
CA GLU A 443 12.34 7.98 5.41
C GLU A 443 11.65 7.20 4.28
N LEU A 444 11.27 7.91 3.22
CA LEU A 444 10.34 7.42 2.17
C LEU A 444 11.10 6.54 1.15
N ALA A 445 12.19 7.05 0.58
CA ALA A 445 12.83 6.50 -0.64
C ALA A 445 14.34 6.77 -0.57
N THR A 446 15.09 6.11 -1.45
CA THR A 446 16.57 6.15 -1.56
C THR A 446 16.93 5.94 -3.01
N GLY A 447 18.06 6.46 -3.48
CA GLY A 447 18.60 6.09 -4.81
C GLY A 447 20.11 6.05 -4.82
N TYR A 448 20.67 5.29 -5.73
CA TYR A 448 22.13 5.16 -5.91
C TYR A 448 22.45 5.44 -7.36
N SER A 449 23.61 6.07 -7.61
CA SER A 449 24.47 5.79 -8.78
C SER A 449 25.07 4.41 -8.53
N GLU A 450 24.82 3.41 -9.39
CA GLU A 450 25.06 1.99 -9.02
C GLU A 450 26.53 1.62 -9.22
N LEU A 451 27.04 0.78 -8.32
CA LEU A 451 28.41 0.21 -8.39
C LEU A 451 28.45 -0.90 -9.45
N SER A 452 29.10 -0.64 -10.58
CA SER A 452 29.32 -1.59 -11.70
C SER A 452 30.74 -2.18 -11.71
N ASP A 453 31.60 -1.83 -10.75
CA ASP A 453 32.99 -2.37 -10.66
C ASP A 453 32.98 -3.64 -9.82
N PRO A 454 33.31 -4.80 -10.43
CA PRO A 454 33.29 -6.09 -9.74
C PRO A 454 34.34 -6.31 -8.65
N VAL A 455 35.56 -5.82 -8.86
CA VAL A 455 36.70 -6.03 -7.92
C VAL A 455 36.43 -5.18 -6.67
N VAL A 456 35.99 -3.94 -6.86
CA VAL A 456 35.51 -3.06 -5.75
C VAL A 456 34.35 -3.78 -5.04
N GLN A 457 33.39 -4.29 -5.83
CA GLN A 457 32.14 -4.85 -5.28
C GLN A 457 32.50 -6.08 -4.45
N ARG A 458 33.46 -6.86 -4.95
CA ARG A 458 33.98 -8.05 -4.23
C ARG A 458 34.48 -7.60 -2.84
N GLU A 459 35.29 -6.54 -2.81
CA GLU A 459 35.88 -5.97 -1.56
C GLU A 459 34.77 -5.55 -0.61
N ARG A 460 33.85 -4.67 -1.08
CA ARG A 460 32.71 -4.14 -0.29
C ARG A 460 32.09 -5.29 0.52
N PHE A 461 31.90 -6.46 -0.10
CA PHE A 461 31.27 -7.67 0.49
C PHE A 461 32.25 -8.37 1.43
N ALA A 462 33.52 -8.51 0.99
CA ALA A 462 34.61 -9.14 1.76
C ALA A 462 34.78 -8.42 3.11
N ASP A 463 34.56 -7.09 3.13
CA ASP A 463 34.48 -6.26 4.37
C ASP A 463 33.23 -6.66 5.17
N GLN A 464 32.05 -6.58 4.55
CA GLN A 464 30.74 -6.89 5.20
C GLN A 464 30.88 -8.19 5.98
N ALA A 465 31.24 -9.27 5.28
CA ALA A 465 31.28 -10.68 5.74
C ALA A 465 32.13 -10.81 7.02
N ARG A 466 33.32 -10.20 7.03
CA ARG A 466 34.36 -10.37 8.09
C ARG A 466 33.77 -10.00 9.46
N ALA A 467 32.70 -9.20 9.48
CA ALA A 467 31.82 -8.97 10.66
C ALA A 467 30.86 -10.15 10.82
N ALA A 476 33.21 -17.65 4.59
CA ALA A 476 32.80 -16.25 4.30
C ALA A 476 32.21 -16.17 2.89
N VAL A 477 31.10 -16.87 2.66
CA VAL A 477 30.53 -17.14 1.30
C VAL A 477 29.81 -15.88 0.78
N LEU A 478 30.21 -15.39 -0.40
CA LEU A 478 29.65 -14.20 -1.08
C LEU A 478 28.60 -14.65 -2.12
N ASP A 479 27.97 -13.70 -2.81
CA ASP A 479 27.01 -13.95 -3.92
C ASP A 479 27.81 -13.99 -5.23
N GLU A 480 28.45 -15.13 -5.52
CA GLU A 480 29.50 -15.26 -6.57
C GLU A 480 28.87 -15.12 -7.96
N ASP A 481 27.62 -15.58 -8.13
CA ASP A 481 26.87 -15.46 -9.41
C ASP A 481 26.50 -13.99 -9.63
N PHE A 482 26.12 -13.25 -8.58
CA PHE A 482 25.93 -11.78 -8.71
C PHE A 482 27.24 -11.14 -9.20
N LEU A 483 28.36 -11.40 -8.50
CA LEU A 483 29.67 -10.81 -8.86
C LEU A 483 30.04 -11.26 -10.27
N ALA A 484 29.72 -12.52 -10.62
CA ALA A 484 29.93 -13.07 -11.98
C ALA A 484 29.26 -12.14 -13.00
N ALA A 485 28.00 -11.77 -12.75
CA ALA A 485 27.15 -10.94 -13.65
C ALA A 485 27.82 -9.59 -13.89
N LEU A 486 28.31 -8.95 -12.83
CA LEU A 486 28.98 -7.63 -12.92
C LEU A 486 30.23 -7.75 -13.79
N GLU A 487 31.02 -8.83 -13.63
CA GLU A 487 32.26 -9.01 -14.44
C GLU A 487 31.91 -9.30 -15.91
N TYR A 488 30.66 -9.59 -16.27
CA TYR A 488 30.26 -9.55 -17.72
C TYR A 488 30.05 -8.12 -18.16
N GLY A 489 30.00 -7.18 -17.21
CA GLY A 489 29.85 -5.74 -17.51
C GLY A 489 28.41 -5.28 -17.36
N MET A 490 28.15 -4.42 -16.37
CA MET A 490 26.86 -3.73 -16.16
C MET A 490 27.01 -2.27 -16.56
N PRO A 491 26.27 -1.74 -17.56
CA PRO A 491 26.44 -0.36 -17.97
C PRO A 491 26.19 0.53 -16.76
N PRO A 492 26.66 1.79 -16.78
CA PRO A 492 26.38 2.71 -15.68
C PRO A 492 24.87 2.90 -15.57
N CYS A 493 24.32 2.85 -14.36
CA CYS A 493 22.85 2.97 -14.11
C CYS A 493 22.57 3.56 -12.73
N THR A 494 21.34 4.03 -12.49
CA THR A 494 20.86 4.54 -11.18
C THR A 494 19.60 3.77 -10.76
N GLY A 495 19.67 3.11 -9.62
CA GLY A 495 18.52 2.47 -8.97
C GLY A 495 17.92 3.36 -7.91
N THR A 496 16.65 3.10 -7.60
CA THR A 496 15.84 3.71 -6.52
C THR A 496 15.11 2.61 -5.79
N GLY A 497 14.62 2.90 -4.60
CA GLY A 497 13.65 2.05 -3.90
C GLY A 497 12.74 2.93 -3.08
N MET A 498 11.52 2.46 -2.87
CA MET A 498 10.48 3.19 -2.11
C MET A 498 9.50 2.15 -1.55
N GLY A 499 9.08 2.38 -0.32
CA GLY A 499 8.05 1.57 0.36
C GLY A 499 6.69 2.14 0.09
N ILE A 500 5.78 1.30 -0.44
CA ILE A 500 4.40 1.70 -0.76
C ILE A 500 3.72 2.13 0.54
N ASP A 501 3.95 1.42 1.64
CA ASP A 501 3.25 1.76 2.91
C ASP A 501 3.73 3.14 3.35
N ARG A 502 5.04 3.40 3.29
CA ARG A 502 5.61 4.73 3.68
C ARG A 502 5.10 5.79 2.70
N LEU A 503 4.96 5.46 1.42
CA LEU A 503 4.37 6.43 0.45
C LEU A 503 3.01 6.86 0.96
N LEU A 504 2.13 5.93 1.30
CA LEU A 504 0.74 6.24 1.74
C LEU A 504 0.80 7.04 3.06
N MET A 505 1.56 6.55 4.04
CA MET A 505 1.74 7.17 5.39
C MET A 505 2.19 8.61 5.19
N SER A 506 3.24 8.82 4.39
CA SER A 506 3.79 10.16 4.12
C SER A 506 2.72 11.05 3.45
N LEU A 507 1.82 10.49 2.62
CA LEU A 507 0.80 11.29 1.87
C LEU A 507 -0.48 11.50 2.68
N THR A 508 -0.76 10.66 3.68
CA THR A 508 -2.13 10.57 4.26
C THR A 508 -2.15 10.81 5.78
N GLY A 509 -1.11 10.37 6.50
CA GLY A 509 -1.10 10.29 7.97
C GLY A 509 -1.37 8.88 8.43
N LEU A 510 -1.87 8.02 7.55
CA LEU A 510 -2.43 6.70 7.94
C LEU A 510 -1.30 5.83 8.47
N SER A 511 -1.55 5.09 9.57
CA SER A 511 -0.62 4.06 10.07
C SER A 511 -0.46 2.96 9.02
N ILE A 512 0.63 2.21 9.11
CA ILE A 512 0.95 1.02 8.28
C ILE A 512 -0.15 -0.06 8.42
N ARG A 513 -0.82 -0.14 9.58
CA ARG A 513 -1.87 -1.17 9.84
C ARG A 513 -3.24 -0.71 9.33
N GLU A 514 -3.31 0.44 8.65
CA GLU A 514 -4.52 0.90 7.92
C GLU A 514 -4.28 0.80 6.41
N THR A 515 -3.02 0.87 5.98
CA THR A 515 -2.58 0.94 4.57
C THR A 515 -2.69 -0.43 3.89
N VAL A 516 -2.32 -1.50 4.60
CA VAL A 516 -2.35 -2.89 4.08
C VAL A 516 -3.74 -3.47 4.37
N LEU A 517 -4.32 -4.08 3.35
CA LEU A 517 -5.62 -4.79 3.43
C LEU A 517 -5.61 -5.76 4.62
N PHE A 518 -4.71 -6.75 4.65
CA PHE A 518 -4.74 -7.86 5.66
C PHE A 518 -3.40 -8.08 6.36
N PRO A 519 -3.03 -7.25 7.36
CA PRO A 519 -1.76 -7.41 8.07
C PRO A 519 -1.77 -8.47 9.19
N ILE A 520 -0.60 -8.76 9.75
CA ILE A 520 -0.39 -9.39 11.11
C ILE A 520 1.01 -10.03 11.12
N LYS B . 17.73 -2.54 -2.28
CA LYS B . 17.53 -1.16 -1.74
C LYS B . 16.90 -1.26 -0.35
O LYS B . 17.04 -0.37 0.48
CB LYS B . 16.64 -0.34 -2.67
CG LYS B . 17.28 0.06 -4.00
CD LYS B . 18.43 1.07 -3.88
CE LYS B . 19.01 1.52 -5.21
NZ LYS B . 19.82 0.48 -5.90
OXT LYS B . 16.24 -2.26 -0.05
N1 DD0 C . 9.37 -2.37 6.47
C2 DD0 C . 9.19 -1.35 5.65
C3 DD0 C . 10.65 -2.74 6.72
C4 DD0 C . 11.54 -1.12 5.32
C6 DD0 C . 10.35 0.41 4.10
C8 DD0 C . 12.12 1.57 2.78
C11 DD0 C . 14.31 3.79 1.45
C1 DD0 C . 6.92 -1.15 6.29
O1 DD0 C . 7.96 -0.93 5.34
N2 DD0 C . 11.75 -2.14 6.17
C5 DD0 C . 10.27 -0.70 5.06
O2 DD0 C . 9.44 1.08 3.60
N3 DD0 C . 11.67 0.58 3.80
C7 DD0 C . 12.56 -0.28 4.57
C9 DD0 C . 13.18 2.52 3.38
O3 DD0 C . 14.44 1.87 3.47
C10 DD0 C . 13.32 3.83 2.60
C12 DD0 C . 14.36 2.50 0.66
C13 DD0 C . 12.99 1.89 0.40
C14 DD0 C . 12.50 0.90 1.45
F1 DD0 C . 11.40 0.31 0.95
F2 DD0 C . 13.44 -0.08 1.63
N4 DD0 C . 10.84 -3.77 7.56
#